data_5M5R
#
_entry.id   5M5R
#
_cell.length_a   108.144
_cell.length_b   133.177
_cell.length_c   77.917
_cell.angle_alpha   90.00
_cell.angle_beta   90.00
_cell.angle_gamma   90.00
#
_symmetry.space_group_name_H-M   'C 2 2 21'
#
loop_
_entity.id
_entity.type
_entity.pdbx_description
1 polymer 'Clathrin heavy chain 1'
2 polymer 'AP-2 complex subunit beta'
3 water water
#
loop_
_entity_poly.entity_id
_entity_poly.type
_entity_poly.pdbx_seq_one_letter_code
_entity_poly.pdbx_strand_id
1 'polypeptide(L)'
;GSMAQILPIRFQEHLQLQNLGINPANIGFSTLTMESDKFICIREKVGEQAQVVIIDMNDPSNPIRRPISADSAIMNPASK
VIALKAGKTLQIFNIEMKSKMKAHTMTDDVTFWKWISLNTVALVTDNAVYHWSMEGESQPVKMFDRHSSLAGCQIINYRT
DAKQKWLLLTGISAQQNRVVGAMQLYSVDRKVSQPIEGHAASFAQFKMEGNAEESTLFCFAVRGQAGGKLHIIEVGTPPT
GNQPFPKKAVDVFFPPEAQNDFPVAMQISEKHDVVFLITKYGYIHLYDLETGTCIYMNRISGETIFVTAPHEATAGIIGV
NRKGQVLSVCVEEENIIPYITNVLQNPDLALRMAVRNNLAGAEEL
;
A
2 'polypeptide(L)' CGDLLNLDLG C,D
#
# COMPACT_ATOMS: atom_id res chain seq x y z
N ILE A 6 -21.51 19.51 -2.84
CA ILE A 6 -20.73 18.60 -3.77
C ILE A 6 -19.30 18.40 -3.24
N LEU A 7 -18.81 17.18 -3.32
CA LEU A 7 -17.51 16.86 -2.76
C LEU A 7 -16.65 16.40 -3.89
N PRO A 8 -15.32 16.53 -3.78
CA PRO A 8 -14.46 16.06 -4.87
C PRO A 8 -14.20 14.55 -4.89
N ILE A 9 -14.68 13.85 -3.86
CA ILE A 9 -14.48 12.38 -3.74
C ILE A 9 -15.81 11.71 -3.49
N ARG A 10 -15.86 10.40 -3.73
CA ARG A 10 -17.04 9.55 -3.51
C ARG A 10 -16.64 8.40 -2.58
N PHE A 11 -17.37 8.25 -1.46
CA PHE A 11 -17.18 7.16 -0.47
C PHE A 11 -18.22 6.08 -0.74
N GLN A 12 -17.80 4.80 -0.63
CA GLN A 12 -18.69 3.67 -0.85
C GLN A 12 -18.41 2.50 0.12
N GLU A 13 -19.45 1.91 0.72
CA GLU A 13 -19.31 0.69 1.49
C GLU A 13 -19.54 -0.54 0.60
N HIS A 14 -18.66 -1.50 0.64
CA HIS A 14 -18.73 -2.67 -0.22
C HIS A 14 -19.28 -3.89 0.49
N LEU A 15 -18.81 -4.10 1.73
CA LEU A 15 -19.16 -5.28 2.55
C LEU A 15 -19.07 -4.97 4.02
N GLN A 16 -19.75 -5.79 4.83
CA GLN A 16 -19.50 -5.89 6.28
C GLN A 16 -19.10 -7.32 6.59
N LEU A 17 -17.82 -7.54 6.95
CA LEU A 17 -17.30 -8.90 7.12
C LEU A 17 -18.00 -9.71 8.21
N GLN A 18 -18.48 -9.03 9.26
CA GLN A 18 -19.20 -9.75 10.33
C GLN A 18 -20.49 -10.37 9.84
N ASN A 19 -21.09 -9.80 8.79
CA ASN A 19 -22.25 -10.42 8.19
C ASN A 19 -21.94 -11.67 7.36
N LEU A 20 -20.66 -12.01 7.16
CA LEU A 20 -20.29 -13.28 6.53
C LEU A 20 -19.77 -14.27 7.58
N GLY A 21 -20.06 -14.07 8.86
CA GLY A 21 -19.65 -15.02 9.92
C GLY A 21 -18.19 -14.94 10.34
N ILE A 22 -17.57 -13.76 10.19
CA ILE A 22 -16.18 -13.56 10.60
C ILE A 22 -16.18 -13.05 12.05
N ASN A 23 -15.38 -13.71 12.86
CA ASN A 23 -15.22 -13.32 14.24
C ASN A 23 -14.46 -11.98 14.31
N PRO A 24 -15.07 -10.95 14.90
CA PRO A 24 -14.38 -9.65 15.07
C PRO A 24 -12.94 -9.69 15.63
N ALA A 25 -12.66 -10.62 16.54
CA ALA A 25 -11.28 -10.80 17.04
C ALA A 25 -10.24 -11.17 15.96
N ASN A 26 -10.69 -11.63 14.78
CA ASN A 26 -9.77 -11.99 13.69
C ASN A 26 -9.66 -10.91 12.61
N ILE A 27 -10.26 -9.73 12.86
CA ILE A 27 -10.22 -8.65 11.92
C ILE A 27 -9.10 -7.70 12.39
N GLY A 28 -7.89 -7.97 11.91
CA GLY A 28 -6.74 -7.12 12.27
C GLY A 28 -5.51 -7.47 11.47
N PHE A 29 -4.44 -6.73 11.73
CA PHE A 29 -3.27 -6.73 10.84
C PHE A 29 -2.57 -8.09 10.76
N SER A 30 -2.54 -8.87 11.84
CA SER A 30 -1.80 -10.12 11.82
C SER A 30 -2.60 -11.32 11.23
N THR A 31 -3.91 -11.16 11.08
CA THR A 31 -4.80 -12.24 10.65
C THR A 31 -5.60 -12.00 9.35
N LEU A 32 -5.68 -10.76 8.83
CA LEU A 32 -6.50 -10.45 7.65
C LEU A 32 -5.65 -9.76 6.66
N THR A 33 -5.58 -10.31 5.43
CA THR A 33 -4.72 -9.74 4.37
C THR A 33 -5.58 -9.41 3.17
N MET A 34 -5.16 -8.34 2.48
CA MET A 34 -5.85 -7.80 1.31
C MET A 34 -4.77 -7.27 0.35
N GLU A 35 -4.22 -8.18 -0.45
CA GLU A 35 -3.06 -7.89 -1.33
C GLU A 35 -3.45 -7.15 -2.61
N SER A 36 -4.74 -7.16 -2.94
CA SER A 36 -5.33 -6.46 -4.06
C SER A 36 -6.81 -6.36 -3.75
N ASP A 37 -7.56 -5.71 -4.63
CA ASP A 37 -9.02 -5.62 -4.45
C ASP A 37 -9.80 -6.88 -4.83
N LYS A 38 -9.14 -7.98 -5.25
CA LYS A 38 -9.85 -9.17 -5.72
C LYS A 38 -10.23 -10.19 -4.63
N PHE A 39 -9.43 -10.24 -3.56
CA PHE A 39 -9.56 -11.20 -2.46
C PHE A 39 -9.27 -10.63 -1.08
N ILE A 40 -9.97 -11.13 -0.07
CA ILE A 40 -9.58 -10.95 1.32
C ILE A 40 -9.40 -12.36 1.94
N CYS A 41 -8.30 -12.63 2.63
N CYS A 41 -8.28 -12.54 2.67
CA CYS A 41 -8.24 -13.88 3.38
CA CYS A 41 -7.96 -13.78 3.39
C CYS A 41 -7.85 -13.71 4.85
C CYS A 41 -7.91 -13.58 4.90
N ILE A 42 -8.60 -14.46 5.66
CA ILE A 42 -8.64 -14.33 7.14
C ILE A 42 -8.30 -15.69 7.75
N ARG A 43 -7.30 -15.69 8.64
CA ARG A 43 -6.96 -16.84 9.48
C ARG A 43 -7.82 -16.82 10.77
N GLU A 44 -8.50 -17.92 11.04
CA GLU A 44 -9.37 -18.09 12.23
C GLU A 44 -9.07 -19.46 12.88
N LYS A 45 -9.14 -19.53 14.20
CA LYS A 45 -9.01 -20.83 14.91
C LYS A 45 -10.37 -21.18 15.45
N VAL A 46 -10.85 -22.38 15.13
CA VAL A 46 -12.20 -22.82 15.50
C VAL A 46 -12.08 -24.20 16.12
N GLY A 47 -12.25 -24.28 17.45
CA GLY A 47 -11.87 -25.46 18.22
C GLY A 47 -10.35 -25.51 18.32
N GLU A 48 -9.78 -26.68 18.11
CA GLU A 48 -8.32 -26.83 17.96
C GLU A 48 -7.82 -26.63 16.51
N GLN A 49 -8.73 -26.49 15.53
CA GLN A 49 -8.35 -26.42 14.11
C GLN A 49 -8.21 -25.00 13.54
N ALA A 50 -7.01 -24.66 13.12
CA ALA A 50 -6.79 -23.43 12.34
C ALA A 50 -7.35 -23.54 10.93
N GLN A 51 -7.93 -22.44 10.43
CA GLN A 51 -8.58 -22.39 9.11
C GLN A 51 -8.20 -21.09 8.40
N VAL A 52 -8.22 -21.11 7.06
CA VAL A 52 -8.22 -19.88 6.25
C VAL A 52 -9.60 -19.72 5.59
N VAL A 53 -10.13 -18.48 5.64
CA VAL A 53 -11.34 -18.10 4.93
C VAL A 53 -10.91 -17.21 3.77
N ILE A 54 -11.27 -17.62 2.55
CA ILE A 54 -10.97 -16.89 1.32
C ILE A 54 -12.23 -16.28 0.77
N ILE A 55 -12.28 -14.95 0.74
CA ILE A 55 -13.40 -14.21 0.21
C ILE A 55 -13.11 -13.69 -1.22
N ASP A 56 -13.86 -14.19 -2.21
CA ASP A 56 -13.79 -13.69 -3.60
C ASP A 56 -14.63 -12.41 -3.64
N MET A 57 -14.01 -11.27 -3.91
CA MET A 57 -14.73 -10.00 -3.89
C MET A 57 -15.76 -9.85 -5.02
N ASN A 58 -15.64 -10.66 -6.07
CA ASN A 58 -16.70 -10.74 -7.06
C ASN A 58 -17.86 -11.64 -6.70
N ASP A 59 -17.74 -12.46 -5.67
CA ASP A 59 -18.81 -13.38 -5.23
C ASP A 59 -18.72 -13.60 -3.72
N PRO A 60 -18.93 -12.53 -2.95
CA PRO A 60 -18.47 -12.57 -1.55
C PRO A 60 -19.33 -13.43 -0.61
N SER A 61 -20.55 -13.74 -1.00
CA SER A 61 -21.46 -14.50 -0.12
C SER A 61 -21.13 -16.00 -0.11
N ASN A 62 -20.21 -16.47 -0.95
CA ASN A 62 -19.79 -17.86 -0.95
C ASN A 62 -18.28 -18.05 -0.70
N PRO A 63 -17.83 -17.83 0.55
CA PRO A 63 -16.41 -17.98 0.87
C PRO A 63 -16.02 -19.42 1.05
N ILE A 64 -14.78 -19.74 0.70
CA ILE A 64 -14.18 -21.04 0.91
C ILE A 64 -13.49 -20.98 2.29
N ARG A 65 -13.71 -22.02 3.10
CA ARG A 65 -12.95 -22.24 4.36
C ARG A 65 -12.14 -23.53 4.28
N ARG A 66 -10.84 -23.48 4.54
CA ARG A 66 -9.99 -24.70 4.48
C ARG A 66 -9.11 -24.82 5.71
N PRO A 67 -8.80 -26.04 6.16
CA PRO A 67 -7.78 -26.19 7.23
C PRO A 67 -6.36 -25.76 6.83
N ILE A 68 -5.64 -25.12 7.75
CA ILE A 68 -4.25 -24.78 7.57
C ILE A 68 -3.42 -25.05 8.80
N SER A 69 -2.10 -25.00 8.61
CA SER A 69 -1.15 -25.03 9.72
C SER A 69 -0.11 -23.91 9.51
N ALA A 70 -0.57 -22.71 9.21
CA ALA A 70 0.36 -21.63 8.80
C ALA A 70 0.25 -20.46 9.73
N ASP A 71 1.32 -19.68 9.87
CA ASP A 71 1.24 -18.40 10.62
C ASP A 71 0.86 -17.17 9.81
N SER A 72 0.70 -17.30 8.49
CA SER A 72 0.43 -16.18 7.59
C SER A 72 -0.02 -16.74 6.24
N ALA A 73 -1.02 -16.10 5.63
CA ALA A 73 -1.60 -16.44 4.26
C ALA A 73 -1.80 -15.16 3.43
N ILE A 74 -1.22 -15.09 2.21
CA ILE A 74 -1.40 -13.97 1.28
C ILE A 74 -1.75 -14.45 -0.14
N MET A 75 -2.88 -14.00 -0.66
CA MET A 75 -3.32 -14.37 -1.98
CA MET A 75 -3.36 -14.33 -1.99
C MET A 75 -2.63 -13.49 -3.01
N ASN A 76 -2.31 -14.11 -4.15
CA ASN A 76 -1.86 -13.41 -5.35
C ASN A 76 -2.80 -12.25 -5.72
N PRO A 77 -2.24 -11.16 -6.30
CA PRO A 77 -3.11 -10.02 -6.68
C PRO A 77 -4.19 -10.30 -7.74
N ALA A 78 -3.94 -11.27 -8.62
CA ALA A 78 -4.85 -11.48 -9.74
C ALA A 78 -5.39 -12.90 -9.93
N SER A 79 -4.82 -13.90 -9.27
CA SER A 79 -5.21 -15.31 -9.51
C SER A 79 -5.44 -16.01 -8.16
N LYS A 80 -6.18 -17.14 -8.16
CA LYS A 80 -6.43 -17.93 -6.94
C LYS A 80 -5.22 -18.81 -6.64
N VAL A 81 -4.10 -18.18 -6.29
CA VAL A 81 -2.81 -18.79 -6.00
C VAL A 81 -2.46 -18.19 -4.64
N ILE A 82 -2.29 -19.03 -3.62
CA ILE A 82 -2.08 -18.57 -2.26
C ILE A 82 -0.70 -18.96 -1.76
N ALA A 83 -0.03 -18.04 -1.04
CA ALA A 83 1.24 -18.32 -0.42
C ALA A 83 1.01 -18.47 1.11
N LEU A 84 1.58 -19.51 1.71
CA LEU A 84 1.49 -19.79 3.16
C LEU A 84 2.87 -20.00 3.75
N LYS A 85 3.07 -19.53 5.00
CA LYS A 85 4.32 -19.78 5.69
C LYS A 85 4.08 -20.25 7.16
N ALA A 86 5.10 -20.95 7.63
CA ALA A 86 5.22 -21.38 9.02
C ALA A 86 6.69 -21.28 9.39
N GLY A 87 7.06 -20.17 10.02
CA GLY A 87 8.46 -19.93 10.46
C GLY A 87 9.34 -19.68 9.24
N LYS A 88 10.19 -20.65 8.93
CA LYS A 88 11.11 -20.55 7.81
C LYS A 88 10.55 -21.27 6.53
N THR A 89 9.44 -22.01 6.70
CA THR A 89 8.88 -22.86 5.63
C THR A 89 7.86 -22.09 4.81
N LEU A 90 8.10 -22.00 3.48
CA LEU A 90 7.24 -21.30 2.54
C LEU A 90 6.64 -22.31 1.56
N GLN A 91 5.36 -22.20 1.26
CA GLN A 91 4.68 -23.07 0.26
C GLN A 91 3.64 -22.26 -0.54
N ILE A 92 3.53 -22.56 -1.83
CA ILE A 92 2.65 -21.85 -2.74
C ILE A 92 1.68 -22.85 -3.36
N PHE A 93 0.38 -22.56 -3.34
CA PHE A 93 -0.65 -23.48 -3.94
C PHE A 93 -1.51 -22.82 -5.00
N ASN A 94 -1.78 -23.54 -6.10
CA ASN A 94 -2.81 -23.11 -7.02
C ASN A 94 -4.15 -23.80 -6.63
N ILE A 95 -5.12 -23.01 -6.18
CA ILE A 95 -6.35 -23.55 -5.57
C ILE A 95 -7.24 -24.26 -6.61
N GLU A 96 -7.38 -23.65 -7.76
CA GLU A 96 -8.21 -24.24 -8.85
C GLU A 96 -7.62 -25.57 -9.38
N MET A 97 -6.28 -25.67 -9.41
CA MET A 97 -5.58 -26.89 -9.88
C MET A 97 -5.37 -27.93 -8.74
N LYS A 98 -5.77 -27.55 -7.52
CA LYS A 98 -5.53 -28.34 -6.30
C LYS A 98 -4.13 -28.85 -6.24
N SER A 99 -3.17 -27.99 -6.46
CA SER A 99 -1.78 -28.45 -6.43
C SER A 99 -0.76 -27.53 -5.76
N LYS A 100 0.26 -28.20 -5.22
CA LYS A 100 1.42 -27.56 -4.62
C LYS A 100 2.44 -27.19 -5.71
N MET A 101 2.61 -25.90 -5.93
N MET A 101 2.53 -25.87 -5.97
CA MET A 101 3.42 -25.45 -7.04
CA MET A 101 3.38 -25.27 -7.00
C MET A 101 4.88 -25.19 -6.67
C MET A 101 4.84 -25.28 -6.62
N LYS A 102 5.12 -24.72 -5.44
CA LYS A 102 6.48 -24.44 -4.94
C LYS A 102 6.62 -24.68 -3.44
N ALA A 103 7.83 -24.96 -3.01
CA ALA A 103 8.20 -25.05 -1.57
C ALA A 103 9.63 -24.54 -1.40
N HIS A 104 9.91 -23.78 -0.33
CA HIS A 104 11.28 -23.36 -0.02
C HIS A 104 11.45 -23.18 1.48
N THR A 105 12.62 -23.51 2.04
CA THR A 105 12.89 -23.32 3.45
C THR A 105 14.01 -22.30 3.57
N MET A 106 13.74 -21.19 4.22
CA MET A 106 14.72 -20.10 4.40
C MET A 106 15.69 -20.40 5.57
N THR A 107 16.84 -19.74 5.59
CA THR A 107 17.75 -19.79 6.75
C THR A 107 17.20 -19.15 8.01
N ASP A 108 16.59 -17.96 7.85
CA ASP A 108 15.97 -17.21 8.96
C ASP A 108 14.43 -17.13 8.84
N ASP A 109 13.73 -16.97 9.97
CA ASP A 109 12.28 -16.78 9.96
C ASP A 109 11.92 -15.58 9.09
N VAL A 110 10.87 -15.74 8.30
CA VAL A 110 10.31 -14.62 7.53
C VAL A 110 9.28 -13.89 8.41
N THR A 111 9.60 -12.67 8.84
CA THR A 111 8.72 -11.89 9.73
C THR A 111 7.64 -11.04 9.06
N PHE A 112 7.79 -10.74 7.76
CA PHE A 112 6.82 -9.97 7.01
C PHE A 112 6.99 -10.37 5.54
N TRP A 113 5.88 -10.51 4.81
CA TRP A 113 5.95 -10.72 3.38
C TRP A 113 4.74 -10.17 2.67
N LYS A 114 4.85 -9.98 1.36
CA LYS A 114 3.76 -9.50 0.49
C LYS A 114 4.05 -9.71 -1.00
N TRP A 115 3.00 -9.70 -1.82
CA TRP A 115 3.15 -9.72 -3.28
C TRP A 115 3.46 -8.32 -3.74
N ILE A 116 4.56 -8.14 -4.48
CA ILE A 116 4.92 -6.81 -5.04
C ILE A 116 4.63 -6.68 -6.53
N SER A 117 4.16 -7.76 -7.17
CA SER A 117 3.77 -7.73 -8.57
C SER A 117 2.83 -8.93 -8.83
N LEU A 118 2.45 -9.15 -10.09
CA LEU A 118 1.62 -10.32 -10.39
C LEU A 118 2.32 -11.65 -10.20
N ASN A 119 3.66 -11.66 -10.21
CA ASN A 119 4.39 -12.90 -10.10
C ASN A 119 5.57 -12.96 -9.12
N THR A 120 5.73 -11.96 -8.26
CA THR A 120 6.87 -11.91 -7.36
C THR A 120 6.44 -11.62 -5.93
N VAL A 121 6.97 -12.38 -4.97
CA VAL A 121 6.72 -12.18 -3.57
C VAL A 121 8.00 -11.54 -2.89
N ALA A 122 7.84 -10.54 -2.07
CA ALA A 122 8.96 -9.98 -1.25
C ALA A 122 8.98 -10.63 0.14
N LEU A 123 10.17 -11.04 0.58
CA LEU A 123 10.38 -11.65 1.92
C LEU A 123 11.32 -10.80 2.79
N VAL A 124 10.87 -10.50 4.00
CA VAL A 124 11.62 -9.74 5.03
C VAL A 124 11.92 -10.65 6.22
N THR A 125 13.21 -10.80 6.53
CA THR A 125 13.66 -11.42 7.78
C THR A 125 14.16 -10.33 8.76
N ASP A 126 14.60 -10.76 9.93
CA ASP A 126 15.24 -9.80 10.84
C ASP A 126 16.47 -9.10 10.21
N ASN A 127 17.16 -9.76 9.27
CA ASN A 127 18.46 -9.29 8.72
C ASN A 127 18.48 -8.73 7.29
N ALA A 128 17.51 -9.13 6.45
CA ALA A 128 17.59 -8.86 5.00
C ALA A 128 16.23 -8.90 4.31
N VAL A 129 16.24 -8.43 3.05
CA VAL A 129 15.09 -8.49 2.12
C VAL A 129 15.42 -9.25 0.84
N TYR A 130 14.46 -10.10 0.45
CA TYR A 130 14.59 -11.02 -0.69
C TYR A 130 13.41 -10.84 -1.66
N HIS A 131 13.63 -11.07 -2.96
CA HIS A 131 12.52 -11.20 -3.92
C HIS A 131 12.48 -12.64 -4.45
N TRP A 132 11.28 -13.18 -4.61
CA TRP A 132 11.06 -14.60 -5.13
C TRP A 132 10.06 -14.58 -6.26
N SER A 133 10.55 -14.82 -7.48
CA SER A 133 9.71 -14.92 -8.66
C SER A 133 9.10 -16.32 -8.75
N MET A 134 7.85 -16.36 -9.19
CA MET A 134 7.17 -17.63 -9.47
C MET A 134 7.53 -18.25 -10.82
N GLU A 135 8.32 -17.56 -11.66
CA GLU A 135 8.65 -18.09 -12.98
C GLU A 135 9.68 -19.21 -12.93
N GLY A 136 9.45 -20.25 -13.72
CA GLY A 136 10.42 -21.34 -13.88
C GLY A 136 10.79 -22.00 -12.57
N GLU A 137 12.09 -22.21 -12.34
CA GLU A 137 12.60 -22.81 -11.11
C GLU A 137 13.33 -21.76 -10.18
N SER A 138 12.88 -20.52 -10.27
CA SER A 138 13.47 -19.41 -9.54
C SER A 138 13.43 -19.65 -7.99
N GLN A 139 14.53 -19.29 -7.35
CA GLN A 139 14.68 -19.36 -5.90
C GLN A 139 14.71 -17.91 -5.35
N PRO A 140 14.46 -17.72 -4.03
CA PRO A 140 14.61 -16.36 -3.47
C PRO A 140 16.03 -15.77 -3.69
N VAL A 141 16.11 -14.46 -4.03
CA VAL A 141 17.34 -13.76 -4.32
C VAL A 141 17.46 -12.60 -3.27
N LYS A 142 18.59 -12.52 -2.55
CA LYS A 142 18.77 -11.39 -1.63
C LYS A 142 18.91 -10.02 -2.37
N MET A 143 18.11 -9.04 -1.99
CA MET A 143 18.15 -7.72 -2.59
C MET A 143 19.07 -6.76 -1.79
N PHE A 144 18.93 -6.75 -0.46
CA PHE A 144 19.76 -5.93 0.39
C PHE A 144 19.70 -6.37 1.84
N ASP A 145 20.74 -5.97 2.60
CA ASP A 145 20.79 -6.11 4.08
C ASP A 145 20.05 -4.97 4.79
N ARG A 146 19.33 -5.27 5.86
CA ARG A 146 18.61 -4.24 6.62
C ARG A 146 19.54 -3.27 7.35
N HIS A 147 19.11 -2.02 7.42
CA HIS A 147 19.83 -0.95 8.11
C HIS A 147 19.52 -0.99 9.64
N SER A 148 20.50 -0.62 10.47
CA SER A 148 20.34 -0.73 11.94
C SER A 148 19.25 0.18 12.47
N SER A 149 18.88 1.21 11.71
CA SER A 149 17.84 2.14 12.15
C SER A 149 16.45 1.50 12.21
N LEU A 150 16.24 0.39 11.52
CA LEU A 150 14.98 -0.38 11.64
C LEU A 150 15.02 -1.52 12.69
N ALA A 151 16.13 -1.65 13.43
CA ALA A 151 16.24 -2.75 14.40
C ALA A 151 15.17 -2.62 15.52
N GLY A 152 14.47 -3.71 15.85
CA GLY A 152 13.39 -3.62 16.87
C GLY A 152 12.08 -2.93 16.40
N CYS A 153 11.96 -2.53 15.13
CA CYS A 153 10.70 -1.93 14.60
C CYS A 153 9.69 -3.01 14.30
N GLN A 154 8.40 -2.68 14.40
CA GLN A 154 7.34 -3.53 13.76
C GLN A 154 7.36 -3.20 12.25
N ILE A 155 7.55 -4.20 11.38
CA ILE A 155 7.57 -3.96 9.94
C ILE A 155 6.10 -3.85 9.48
N ILE A 156 5.77 -2.74 8.81
CA ILE A 156 4.40 -2.50 8.32
C ILE A 156 4.20 -2.49 6.82
N ASN A 157 5.27 -2.30 6.03
CA ASN A 157 5.12 -2.25 4.58
C ASN A 157 6.48 -2.40 3.85
N TYR A 158 6.36 -2.74 2.59
CA TYR A 158 7.47 -2.85 1.64
C TYR A 158 6.92 -2.55 0.28
N ARG A 159 7.58 -1.64 -0.46
CA ARG A 159 7.11 -1.22 -1.81
C ARG A 159 8.28 -0.97 -2.75
N THR A 160 8.00 -1.00 -4.07
CA THR A 160 9.00 -0.73 -5.10
C THR A 160 8.41 0.16 -6.18
N ASP A 161 9.28 0.74 -7.00
CA ASP A 161 8.84 1.39 -8.21
C ASP A 161 8.49 0.32 -9.25
N ALA A 162 7.89 0.77 -10.34
CA ALA A 162 7.47 -0.13 -11.43
C ALA A 162 8.57 -1.04 -11.99
N LYS A 163 9.78 -0.51 -12.15
CA LYS A 163 10.92 -1.26 -12.65
C LYS A 163 11.72 -2.08 -11.65
N GLN A 164 11.31 -2.07 -10.38
CA GLN A 164 12.01 -2.78 -9.31
C GLN A 164 13.48 -2.37 -9.18
N LYS A 165 13.76 -1.07 -9.34
CA LYS A 165 15.08 -0.51 -9.18
C LYS A 165 15.21 0.32 -7.92
N TRP A 166 14.07 0.71 -7.31
CA TRP A 166 14.06 1.52 -6.09
C TRP A 166 13.15 0.76 -5.10
N LEU A 167 13.70 0.42 -3.93
CA LEU A 167 13.02 -0.47 -2.95
C LEU A 167 12.88 0.23 -1.63
N LEU A 168 11.74 0.05 -0.94
CA LEU A 168 11.49 0.83 0.27
C LEU A 168 10.87 -0.04 1.39
N LEU A 169 11.61 -0.22 2.49
CA LEU A 169 11.14 -0.94 3.70
C LEU A 169 10.72 0.04 4.80
N THR A 170 9.54 -0.18 5.41
CA THR A 170 9.04 0.70 6.50
C THR A 170 8.71 -0.04 7.80
N GLY A 171 9.24 0.47 8.93
CA GLY A 171 8.87 -0.02 10.28
C GLY A 171 8.53 1.13 11.24
N ILE A 172 7.83 0.78 12.37
CA ILE A 172 7.45 1.76 13.37
C ILE A 172 7.81 1.27 14.77
N SER A 173 7.91 2.20 15.72
CA SER A 173 8.07 1.91 17.13
C SER A 173 7.72 3.14 17.97
N ALA A 174 7.64 2.95 19.30
CA ALA A 174 7.36 4.05 20.23
C ALA A 174 8.66 4.74 20.69
N GLN A 175 8.77 6.05 20.51
CA GLN A 175 9.93 6.81 21.04
C GLN A 175 9.38 8.12 21.53
N GLN A 176 9.77 8.48 22.76
CA GLN A 176 9.32 9.70 23.43
C GLN A 176 7.80 9.82 23.47
N ASN A 177 7.11 8.74 23.82
CA ASN A 177 5.64 8.73 23.78
C ASN A 177 4.97 9.11 22.44
N ARG A 178 5.63 8.85 21.31
CA ARG A 178 4.95 8.94 20.01
C ARG A 178 5.38 7.81 19.09
N VAL A 179 4.57 7.60 18.05
CA VAL A 179 4.84 6.57 17.04
C VAL A 179 5.81 7.15 16.01
N VAL A 180 7.05 6.66 16.01
CA VAL A 180 8.08 7.08 15.04
C VAL A 180 8.27 6.10 13.88
N GLY A 181 8.26 6.60 12.65
CA GLY A 181 8.52 5.76 11.50
C GLY A 181 9.95 5.79 11.01
N ALA A 182 10.44 4.66 10.57
CA ALA A 182 11.79 4.51 10.09
C ALA A 182 11.72 3.78 8.78
N MET A 183 12.20 4.43 7.71
CA MET A 183 12.27 3.86 6.39
C MET A 183 13.72 3.64 5.92
N GLN A 184 13.89 2.59 5.11
CA GLN A 184 15.12 2.31 4.36
C GLN A 184 14.86 2.33 2.87
N LEU A 185 15.43 3.33 2.18
CA LEU A 185 15.38 3.41 0.70
C LEU A 185 16.64 2.81 0.13
N TYR A 186 16.49 1.88 -0.82
CA TYR A 186 17.62 1.19 -1.46
C TYR A 186 17.61 1.33 -2.98
N SER A 187 18.73 1.73 -3.56
CA SER A 187 18.93 1.76 -5.04
C SER A 187 19.61 0.50 -5.48
N VAL A 188 18.96 -0.30 -6.34
CA VAL A 188 19.52 -1.52 -6.86
C VAL A 188 20.76 -1.27 -7.72
N ASP A 189 20.73 -0.25 -8.56
CA ASP A 189 21.84 0.05 -9.47
C ASP A 189 23.05 0.63 -8.72
N ARG A 190 22.83 1.43 -7.68
CA ARG A 190 23.98 1.97 -6.90
C ARG A 190 24.49 1.05 -5.75
N LYS A 191 23.64 0.13 -5.27
CA LYS A 191 23.92 -0.73 -4.12
C LYS A 191 24.19 0.09 -2.86
N VAL A 192 23.36 1.12 -2.64
CA VAL A 192 23.43 2.08 -1.53
C VAL A 192 22.01 2.24 -0.91
N SER A 193 21.96 2.35 0.43
CA SER A 193 20.74 2.68 1.20
C SER A 193 20.80 4.04 1.84
N GLN A 194 19.64 4.65 2.07
CA GLN A 194 19.50 5.88 2.84
C GLN A 194 18.38 5.70 3.88
N PRO A 195 18.68 5.92 5.15
CA PRO A 195 17.61 5.93 6.15
C PRO A 195 16.87 7.25 6.17
N ILE A 196 15.54 7.18 6.27
CA ILE A 196 14.64 8.33 6.19
C ILE A 196 13.58 8.20 7.27
N GLU A 197 13.31 9.28 8.02
CA GLU A 197 12.14 9.30 8.92
C GLU A 197 10.86 9.47 8.10
N GLY A 198 9.97 8.46 8.16
CA GLY A 198 8.71 8.51 7.45
C GLY A 198 7.73 7.39 7.84
N HIS A 199 6.43 7.65 7.63
CA HIS A 199 5.32 6.73 8.07
C HIS A 199 4.61 5.97 6.95
N ALA A 200 4.36 6.61 5.78
CA ALA A 200 3.67 5.96 4.65
C ALA A 200 4.16 6.51 3.31
N ALA A 201 4.20 5.65 2.27
CA ALA A 201 4.82 6.08 1.00
C ALA A 201 4.28 5.29 -0.21
N SER A 202 4.63 5.79 -1.40
CA SER A 202 4.38 5.10 -2.69
C SER A 202 5.30 5.69 -3.76
N PHE A 203 5.66 4.88 -4.76
CA PHE A 203 6.30 5.36 -5.95
C PHE A 203 5.18 5.64 -7.00
N ALA A 204 5.50 6.39 -8.05
CA ALA A 204 4.60 6.61 -9.14
C ALA A 204 5.39 6.96 -10.39
N GLN A 205 4.83 6.61 -11.57
CA GLN A 205 5.32 7.11 -12.84
C GLN A 205 4.52 8.36 -13.25
N PHE A 206 5.20 9.41 -13.73
CA PHE A 206 4.53 10.68 -14.08
C PHE A 206 5.25 11.30 -15.27
N LYS A 207 4.53 11.59 -16.38
CA LYS A 207 5.16 12.16 -17.58
C LYS A 207 4.93 13.70 -17.56
N MET A 208 5.99 14.46 -17.33
CA MET A 208 5.88 15.90 -17.26
C MET A 208 5.64 16.49 -18.66
N GLU A 209 4.87 17.56 -18.72
CA GLU A 209 4.79 18.41 -19.93
C GLU A 209 6.15 18.70 -20.50
N GLY A 210 6.29 18.43 -21.79
CA GLY A 210 7.53 18.63 -22.50
C GLY A 210 8.55 17.49 -22.51
N ASN A 211 8.37 16.44 -21.71
CA ASN A 211 9.36 15.35 -21.60
C ASN A 211 8.90 14.18 -22.45
N ALA A 212 9.86 13.50 -23.09
CA ALA A 212 9.59 12.28 -23.87
C ALA A 212 9.36 11.05 -23.00
N GLU A 213 10.07 11.00 -21.86
CA GLU A 213 10.01 9.83 -20.95
C GLU A 213 9.35 10.16 -19.62
N GLU A 214 8.77 9.13 -19.02
CA GLU A 214 8.20 9.19 -17.70
C GLU A 214 9.25 9.45 -16.64
N SER A 215 8.91 10.28 -15.68
CA SER A 215 9.67 10.43 -14.45
C SER A 215 9.26 9.31 -13.40
N THR A 216 10.21 8.78 -12.65
CA THR A 216 9.91 7.98 -11.43
C THR A 216 10.00 8.85 -10.15
N LEU A 217 8.86 9.01 -9.49
CA LEU A 217 8.72 9.84 -8.30
C LEU A 217 8.55 8.96 -7.05
N PHE A 218 9.10 9.45 -5.94
CA PHE A 218 8.94 8.86 -4.60
C PHE A 218 8.14 9.86 -3.78
N CYS A 219 7.01 9.43 -3.19
N CYS A 219 7.02 9.43 -3.19
CA CYS A 219 6.17 10.27 -2.36
CA CYS A 219 6.18 10.28 -2.38
C CYS A 219 6.08 9.64 -0.99
C CYS A 219 6.00 9.69 -1.00
N PHE A 220 6.32 10.45 0.05
CA PHE A 220 6.21 9.94 1.45
C PHE A 220 5.65 10.98 2.37
N ALA A 221 4.89 10.52 3.37
CA ALA A 221 4.29 11.39 4.41
C ALA A 221 4.87 11.01 5.75
N VAL A 222 5.11 12.00 6.60
CA VAL A 222 5.74 11.82 7.89
C VAL A 222 5.07 12.78 8.89
N ARG A 223 4.80 12.31 10.11
CA ARG A 223 4.57 13.18 11.25
C ARG A 223 5.83 13.18 12.09
N GLY A 224 6.57 14.28 12.00
CA GLY A 224 7.85 14.45 12.70
C GLY A 224 7.66 15.26 13.97
N GLN A 225 8.75 15.49 14.70
CA GLN A 225 8.68 16.16 16.02
C GLN A 225 8.02 17.57 15.88
N ALA A 226 8.43 18.30 14.83
CA ALA A 226 7.68 19.44 14.26
C ALA A 226 6.76 19.02 13.08
N GLY A 227 5.53 18.61 13.40
CA GLY A 227 4.42 18.53 12.42
C GLY A 227 4.47 17.64 11.18
N GLY A 228 3.34 17.58 10.48
CA GLY A 228 3.24 16.69 9.31
C GLY A 228 3.80 17.27 8.05
N LYS A 229 4.39 16.42 7.20
CA LYS A 229 4.89 16.84 5.91
C LYS A 229 4.70 15.74 4.83
N LEU A 230 4.46 16.17 3.60
CA LEU A 230 4.40 15.31 2.47
C LEU A 230 5.50 15.76 1.46
N HIS A 231 6.34 14.80 1.03
CA HIS A 231 7.40 15.08 0.07
C HIS A 231 7.16 14.36 -1.24
N ILE A 232 7.42 15.03 -2.37
CA ILE A 232 7.32 14.43 -3.71
C ILE A 232 8.64 14.75 -4.42
N ILE A 233 9.44 13.70 -4.69
CA ILE A 233 10.79 13.87 -5.21
C ILE A 233 11.15 12.86 -6.27
N GLU A 234 11.76 13.29 -7.36
CA GLU A 234 12.28 12.33 -8.40
C GLU A 234 13.44 11.52 -7.83
N VAL A 235 13.45 10.20 -8.07
CA VAL A 235 14.57 9.37 -7.69
C VAL A 235 15.44 9.15 -8.91
N GLY A 236 16.74 9.36 -8.73
CA GLY A 236 17.74 9.16 -9.79
C GLY A 236 17.78 10.31 -10.81
N THR A 237 18.67 10.19 -11.78
CA THR A 237 18.91 11.23 -12.76
C THR A 237 17.90 11.10 -13.90
N PRO A 238 17.44 12.23 -14.45
CA PRO A 238 16.33 12.08 -15.36
C PRO A 238 16.69 11.31 -16.61
N PRO A 239 15.72 10.51 -17.12
CA PRO A 239 15.92 9.88 -18.43
C PRO A 239 16.49 10.87 -19.43
N THR A 240 17.46 10.47 -20.27
CA THR A 240 18.10 11.39 -21.25
C THR A 240 17.12 12.33 -22.04
N GLY A 241 17.49 13.60 -22.24
CA GLY A 241 16.57 14.62 -22.76
C GLY A 241 15.41 15.20 -21.92
N ASN A 242 15.12 14.66 -20.72
CA ASN A 242 14.03 15.14 -19.83
C ASN A 242 14.47 16.33 -18.97
N GLN A 243 13.54 17.25 -18.69
CA GLN A 243 13.70 18.19 -17.56
C GLN A 243 13.57 17.39 -16.22
N PRO A 244 14.35 17.76 -15.18
CA PRO A 244 14.09 17.18 -13.85
C PRO A 244 12.75 17.64 -13.25
N PHE A 245 12.08 16.78 -12.47
CA PHE A 245 10.86 17.13 -11.80
C PHE A 245 11.22 18.02 -10.61
N PRO A 246 10.60 19.19 -10.47
CA PRO A 246 10.91 20.04 -9.32
C PRO A 246 10.36 19.47 -8.04
N LYS A 247 11.19 19.26 -7.03
CA LYS A 247 10.70 18.60 -5.79
C LYS A 247 9.75 19.52 -5.00
N LYS A 248 8.81 18.92 -4.27
CA LYS A 248 7.80 19.65 -3.50
C LYS A 248 7.83 19.09 -2.05
N ALA A 249 7.58 19.96 -1.07
CA ALA A 249 7.39 19.58 0.28
C ALA A 249 6.24 20.43 0.83
N VAL A 250 5.17 19.81 1.32
CA VAL A 250 3.98 20.56 1.73
C VAL A 250 3.54 20.07 3.12
N ASP A 251 2.78 20.92 3.83
CA ASP A 251 2.28 20.52 5.16
C ASP A 251 1.20 19.45 5.09
N VAL A 252 1.16 18.57 6.09
CA VAL A 252 0.07 17.62 6.30
C VAL A 252 -0.55 18.02 7.66
N PHE A 253 -1.84 18.35 7.66
CA PHE A 253 -2.52 18.94 8.85
C PHE A 253 -3.02 17.84 9.76
N PHE A 254 -2.73 17.98 11.05
CA PHE A 254 -3.42 17.17 12.09
C PHE A 254 -4.12 18.14 13.08
N PRO A 255 -5.42 17.91 13.38
CA PRO A 255 -6.04 18.84 14.32
C PRO A 255 -5.49 18.73 15.73
N PRO A 256 -5.65 19.80 16.50
CA PRO A 256 -5.17 19.86 17.88
C PRO A 256 -5.62 18.71 18.75
N GLU A 257 -6.80 18.14 18.50
CA GLU A 257 -7.26 17.02 19.32
C GLU A 257 -6.83 15.62 18.85
N ALA A 258 -6.05 15.53 17.76
CA ALA A 258 -5.53 14.23 17.30
C ALA A 258 -4.02 14.21 17.49
N GLN A 259 -3.58 14.31 18.74
CA GLN A 259 -2.15 14.50 19.03
C GLN A 259 -1.31 13.24 18.82
N ASN A 260 -1.94 12.07 18.83
CA ASN A 260 -1.28 10.82 18.59
C ASN A 260 -1.49 10.21 17.21
N ASP A 261 -2.18 10.90 16.30
CA ASP A 261 -2.51 10.30 14.98
C ASP A 261 -1.25 10.38 14.08
N PHE A 262 -1.17 9.50 13.10
CA PHE A 262 -0.10 9.52 12.11
C PHE A 262 -0.53 8.83 10.80
N PRO A 263 0.20 9.06 9.68
CA PRO A 263 -0.15 8.42 8.40
C PRO A 263 0.07 6.90 8.40
N VAL A 264 -0.90 6.12 7.89
CA VAL A 264 -0.74 4.69 7.79
C VAL A 264 -0.81 4.11 6.41
N ALA A 265 -1.31 4.84 5.42
CA ALA A 265 -1.47 4.28 4.09
C ALA A 265 -1.45 5.36 3.02
N MET A 266 -0.90 5.01 1.89
CA MET A 266 -0.88 5.89 0.69
C MET A 266 -1.19 5.10 -0.57
N GLN A 267 -2.05 5.63 -1.43
CA GLN A 267 -2.21 5.09 -2.78
C GLN A 267 -2.25 6.28 -3.78
N ILE A 268 -1.56 6.14 -4.88
CA ILE A 268 -1.49 7.17 -5.94
C ILE A 268 -2.25 6.70 -7.19
N SER A 269 -3.19 7.54 -7.67
CA SER A 269 -3.93 7.26 -8.91
C SER A 269 -3.16 7.86 -10.08
N GLU A 270 -2.61 7.02 -10.94
CA GLU A 270 -1.97 7.52 -12.20
C GLU A 270 -3.03 7.86 -13.32
N LYS A 271 -4.29 7.46 -13.14
CA LYS A 271 -5.37 8.01 -13.96
C LYS A 271 -5.61 9.51 -13.73
N HIS A 272 -5.67 9.94 -12.47
CA HIS A 272 -5.98 11.35 -12.17
C HIS A 272 -4.77 12.18 -11.66
N ASP A 273 -3.65 11.52 -11.40
CA ASP A 273 -2.43 12.13 -10.82
C ASP A 273 -2.72 12.82 -9.48
N VAL A 274 -3.34 12.01 -8.57
CA VAL A 274 -3.68 12.44 -7.21
C VAL A 274 -3.19 11.40 -6.20
N VAL A 275 -2.84 11.88 -5.01
CA VAL A 275 -2.37 11.05 -3.90
C VAL A 275 -3.47 10.98 -2.85
N PHE A 276 -3.83 9.72 -2.47
CA PHE A 276 -4.75 9.46 -1.36
C PHE A 276 -3.90 9.07 -0.13
N LEU A 277 -4.10 9.79 0.98
CA LEU A 277 -3.44 9.54 2.28
C LEU A 277 -4.46 9.18 3.35
N ILE A 278 -4.28 8.09 4.08
CA ILE A 278 -5.20 7.75 5.16
C ILE A 278 -4.37 7.65 6.48
N THR A 279 -4.94 8.14 7.57
CA THR A 279 -4.28 8.16 8.91
C THR A 279 -4.83 7.03 9.79
N LYS A 280 -4.12 6.76 10.88
CA LYS A 280 -4.45 5.56 11.74
C LYS A 280 -5.92 5.65 12.23
N TYR A 281 -6.30 6.85 12.66
CA TYR A 281 -7.64 7.15 13.19
C TYR A 281 -8.71 7.59 12.19
N GLY A 282 -8.49 7.31 10.91
CA GLY A 282 -9.53 7.34 9.89
C GLY A 282 -9.76 8.68 9.19
N TYR A 283 -8.73 9.55 9.13
CA TYR A 283 -8.80 10.82 8.36
C TYR A 283 -8.30 10.55 6.89
N ILE A 284 -8.95 11.12 5.90
CA ILE A 284 -8.56 10.94 4.50
C ILE A 284 -8.16 12.33 3.99
N HIS A 285 -7.04 12.35 3.24
CA HIS A 285 -6.48 13.57 2.60
C HIS A 285 -6.32 13.27 1.09
N LEU A 286 -6.55 14.27 0.24
CA LEU A 286 -6.27 14.13 -1.18
C LEU A 286 -5.35 15.27 -1.61
N TYR A 287 -4.24 14.94 -2.27
CA TYR A 287 -3.27 15.94 -2.81
C TYR A 287 -3.10 15.80 -4.32
N ASP A 288 -2.80 16.92 -4.99
CA ASP A 288 -2.35 16.86 -6.39
C ASP A 288 -0.91 16.32 -6.46
N LEU A 289 -0.63 15.33 -7.32
CA LEU A 289 0.74 14.77 -7.42
C LEU A 289 1.74 15.76 -8.04
N GLU A 290 1.26 16.60 -8.97
CA GLU A 290 2.16 17.47 -9.76
C GLU A 290 2.68 18.60 -8.87
N THR A 291 1.78 19.27 -8.13
CA THR A 291 2.12 20.44 -7.30
C THR A 291 2.23 20.16 -5.84
N GLY A 292 1.64 19.06 -5.35
CA GLY A 292 1.48 18.84 -3.93
C GLY A 292 0.36 19.61 -3.26
N THR A 293 -0.42 20.40 -4.01
CA THR A 293 -1.55 21.12 -3.40
C THR A 293 -2.57 20.22 -2.73
N CYS A 294 -2.95 20.56 -1.50
CA CYS A 294 -3.99 19.78 -0.78
C CYS A 294 -5.38 20.16 -1.31
N ILE A 295 -6.14 19.17 -1.79
CA ILE A 295 -7.44 19.38 -2.42
C ILE A 295 -8.57 19.19 -1.38
N TYR A 296 -8.41 18.24 -0.46
CA TYR A 296 -9.52 17.89 0.44
C TYR A 296 -9.05 17.10 1.63
N MET A 297 -9.73 17.28 2.76
CA MET A 297 -9.52 16.45 3.94
C MET A 297 -10.83 16.23 4.70
N ASN A 298 -10.98 15.09 5.37
CA ASN A 298 -12.13 14.79 6.25
C ASN A 298 -11.96 13.48 7.07
N ARG A 299 -12.72 13.31 8.16
CA ARG A 299 -12.70 12.04 8.90
C ARG A 299 -13.73 11.06 8.30
N ILE A 300 -13.31 9.89 7.83
CA ILE A 300 -14.20 8.91 7.14
C ILE A 300 -14.39 7.52 7.81
N SER A 301 -13.67 7.28 8.91
CA SER A 301 -13.83 6.05 9.70
C SER A 301 -13.69 6.41 11.17
N GLY A 302 -14.61 5.88 11.95
CA GLY A 302 -14.45 5.93 13.42
C GLY A 302 -13.40 4.91 13.83
N GLU A 303 -13.48 3.72 13.23
CA GLU A 303 -12.56 2.64 13.53
C GLU A 303 -11.24 2.85 12.75
N THR A 304 -10.14 2.36 13.31
CA THR A 304 -8.84 2.43 12.68
C THR A 304 -8.82 1.57 11.40
N ILE A 305 -8.19 2.10 10.37
CA ILE A 305 -7.96 1.37 9.10
C ILE A 305 -6.55 0.76 9.17
N PHE A 306 -6.43 -0.55 8.89
CA PHE A 306 -5.16 -1.23 9.06
C PHE A 306 -4.59 -1.87 7.77
N VAL A 307 -5.37 -1.90 6.68
CA VAL A 307 -4.89 -2.45 5.40
C VAL A 307 -5.62 -1.75 4.24
N THR A 308 -4.89 -1.47 3.17
CA THR A 308 -5.46 -0.86 1.96
C THR A 308 -4.87 -1.49 0.66
N ALA A 309 -5.53 -1.22 -0.47
CA ALA A 309 -5.01 -1.61 -1.79
C ALA A 309 -5.52 -0.63 -2.80
N PRO A 310 -4.94 -0.62 -4.00
CA PRO A 310 -5.55 0.13 -5.09
C PRO A 310 -6.93 -0.45 -5.48
N HIS A 311 -7.89 0.42 -5.77
CA HIS A 311 -9.22 -0.01 -6.21
C HIS A 311 -9.28 0.17 -7.72
N GLU A 312 -9.11 -0.96 -8.43
CA GLU A 312 -8.90 -0.94 -9.88
C GLU A 312 -9.99 -0.25 -10.64
N ALA A 313 -11.23 -0.53 -10.29
CA ALA A 313 -12.37 -0.03 -11.08
C ALA A 313 -12.49 1.51 -11.14
N THR A 314 -12.07 2.20 -10.09
CA THR A 314 -12.19 3.66 -10.00
C THR A 314 -10.85 4.39 -9.92
N ALA A 315 -9.75 3.63 -9.99
CA ALA A 315 -8.44 4.12 -9.67
C ALA A 315 -8.37 4.88 -8.33
N GLY A 316 -9.11 4.43 -7.32
CA GLY A 316 -9.08 4.98 -5.97
C GLY A 316 -8.35 4.07 -4.99
N ILE A 317 -8.84 4.05 -3.75
CA ILE A 317 -8.27 3.30 -2.63
C ILE A 317 -9.37 2.47 -1.96
N ILE A 318 -9.09 1.20 -1.63
CA ILE A 318 -10.03 0.37 -0.91
C ILE A 318 -9.33 -0.03 0.41
N GLY A 319 -10.08 -0.18 1.49
CA GLY A 319 -9.51 -0.60 2.75
C GLY A 319 -10.46 -1.27 3.68
N VAL A 320 -9.94 -1.78 4.80
CA VAL A 320 -10.73 -2.47 5.79
C VAL A 320 -10.45 -1.90 7.18
N ASN A 321 -11.50 -1.62 7.93
CA ASN A 321 -11.36 -1.14 9.29
C ASN A 321 -11.55 -2.27 10.28
N ARG A 322 -11.24 -1.92 11.52
CA ARG A 322 -11.21 -2.87 12.66
C ARG A 322 -12.59 -3.54 12.93
N LYS A 323 -13.68 -2.87 12.57
CA LYS A 323 -15.05 -3.42 12.60
C LYS A 323 -15.38 -4.48 11.48
N GLY A 324 -14.57 -4.46 10.41
CA GLY A 324 -14.80 -5.31 9.24
C GLY A 324 -15.58 -4.63 8.13
N GLN A 325 -15.71 -3.30 8.18
CA GLN A 325 -16.22 -2.56 7.05
C GLN A 325 -15.16 -2.52 5.95
N VAL A 326 -15.54 -2.89 4.73
CA VAL A 326 -14.69 -2.78 3.54
C VAL A 326 -15.23 -1.56 2.79
N LEU A 327 -14.38 -0.54 2.62
CA LEU A 327 -14.79 0.75 2.02
C LEU A 327 -13.81 1.24 0.98
N SER A 328 -14.32 2.06 0.05
CA SER A 328 -13.47 2.68 -0.94
C SER A 328 -13.73 4.21 -1.04
N VAL A 329 -12.73 4.92 -1.54
CA VAL A 329 -12.78 6.36 -1.85
C VAL A 329 -12.13 6.54 -3.21
N CYS A 330 -12.76 7.33 -4.08
CA CYS A 330 -12.16 7.70 -5.36
C CYS A 330 -12.54 9.15 -5.72
N VAL A 331 -11.95 9.65 -6.80
CA VAL A 331 -12.27 10.98 -7.32
C VAL A 331 -13.65 10.94 -7.96
N GLU A 332 -14.47 11.93 -7.63
CA GLU A 332 -15.75 12.14 -8.27
C GLU A 332 -15.52 13.00 -9.53
N GLU A 333 -15.52 12.35 -10.70
CA GLU A 333 -15.10 13.01 -11.93
C GLU A 333 -15.97 14.15 -12.41
N GLU A 334 -17.24 14.16 -12.08
CA GLU A 334 -18.11 15.30 -12.42
C GLU A 334 -18.04 16.45 -11.44
N ASN A 335 -17.42 16.29 -10.27
CA ASN A 335 -17.42 17.34 -9.24
C ASN A 335 -16.07 17.99 -8.94
N ILE A 336 -14.95 17.30 -9.22
CA ILE A 336 -13.66 17.71 -8.67
C ILE A 336 -13.26 19.11 -9.23
N ILE A 337 -13.53 19.37 -10.52
CA ILE A 337 -13.09 20.63 -11.16
C ILE A 337 -13.93 21.84 -10.65
N PRO A 338 -15.26 21.73 -10.65
CA PRO A 338 -16.01 22.82 -9.97
C PRO A 338 -15.71 23.02 -8.47
N TYR A 339 -15.45 21.95 -7.73
CA TYR A 339 -15.06 22.06 -6.33
C TYR A 339 -13.79 22.90 -6.15
N ILE A 340 -12.74 22.56 -6.91
CA ILE A 340 -11.46 23.28 -6.84
C ILE A 340 -11.64 24.76 -7.20
N THR A 341 -12.46 25.01 -8.22
CA THR A 341 -12.71 26.39 -8.67
C THR A 341 -13.50 27.20 -7.65
N ASN A 342 -14.61 26.65 -7.13
CA ASN A 342 -15.50 27.43 -6.27
C ASN A 342 -15.28 27.31 -4.77
N VAL A 343 -14.90 26.15 -4.28
CA VAL A 343 -14.72 25.98 -2.83
C VAL A 343 -13.27 26.27 -2.42
N LEU A 344 -12.29 25.65 -3.09
CA LEU A 344 -10.88 26.03 -2.89
C LEU A 344 -10.48 27.35 -3.48
N GLN A 345 -11.25 27.89 -4.42
CA GLN A 345 -10.93 29.17 -5.05
C GLN A 345 -9.54 29.16 -5.66
N ASN A 346 -9.25 28.12 -6.43
CA ASN A 346 -7.99 27.93 -7.08
C ASN A 346 -8.23 27.63 -8.56
N PRO A 347 -8.50 28.67 -9.37
CA PRO A 347 -8.72 28.45 -10.80
C PRO A 347 -7.50 27.92 -11.55
N ASP A 348 -6.28 28.26 -11.11
CA ASP A 348 -5.07 27.71 -11.76
C ASP A 348 -4.99 26.17 -11.71
N LEU A 349 -5.18 25.60 -10.50
CA LEU A 349 -5.22 24.18 -10.33
C LEU A 349 -6.38 23.52 -11.07
N ALA A 350 -7.55 24.14 -11.02
CA ALA A 350 -8.73 23.59 -11.70
C ALA A 350 -8.52 23.49 -13.22
N LEU A 351 -7.95 24.55 -13.80
CA LEU A 351 -7.70 24.56 -15.23
C LEU A 351 -6.66 23.51 -15.62
N ARG A 352 -5.62 23.39 -14.81
CA ARG A 352 -4.55 22.44 -15.09
C ARG A 352 -5.08 21.00 -15.04
N MET A 353 -5.84 20.68 -13.99
CA MET A 353 -6.32 19.30 -13.81
C MET A 353 -7.37 18.90 -14.88
N ALA A 354 -8.15 19.88 -15.32
CA ALA A 354 -9.16 19.71 -16.36
C ALA A 354 -8.53 19.31 -17.69
N VAL A 355 -7.50 20.04 -18.12
CA VAL A 355 -6.84 19.70 -19.37
C VAL A 355 -5.89 18.49 -19.24
N ARG A 356 -5.18 18.37 -18.13
CA ARG A 356 -4.18 17.32 -17.92
C ARG A 356 -4.82 15.93 -17.95
N ASN A 357 -5.94 15.78 -17.23
CA ASN A 357 -6.63 14.52 -17.04
C ASN A 357 -7.99 14.44 -17.80
N ASN A 358 -8.22 15.33 -18.78
CA ASN A 358 -9.45 15.38 -19.58
C ASN A 358 -10.75 15.28 -18.78
N LEU A 359 -10.83 16.06 -17.71
CA LEU A 359 -12.04 16.19 -16.89
C LEU A 359 -12.79 17.44 -17.31
N ALA A 360 -14.12 17.40 -17.20
CA ALA A 360 -14.99 18.50 -17.59
C ALA A 360 -15.24 19.45 -16.40
N GLY A 361 -15.47 20.72 -16.72
CA GLY A 361 -15.88 21.69 -15.70
C GLY A 361 -15.14 23.02 -15.63
N ALA A 362 -14.09 23.22 -16.44
CA ALA A 362 -13.37 24.53 -16.39
C ALA A 362 -13.67 25.43 -17.61
N GLU A 363 -14.81 25.16 -18.25
CA GLU A 363 -15.41 25.98 -19.35
C GLU A 363 -15.89 27.38 -18.84
N GLU A 364 -16.32 27.45 -17.57
CA GLU A 364 -16.58 28.72 -16.87
C GLU A 364 -15.79 28.69 -15.54
N LEU A 365 -14.87 29.66 -15.37
CA LEU A 365 -14.12 29.86 -14.12
C LEU A 365 -14.59 31.17 -13.45
N GLY B 2 4.57 -31.65 6.35
CA GLY B 2 3.63 -31.84 5.21
C GLY B 2 3.08 -30.52 4.69
N ASP B 3 1.87 -30.55 4.14
CA ASP B 3 1.30 -29.37 3.52
C ASP B 3 0.77 -28.36 4.56
N LEU B 4 0.98 -27.05 4.27
CA LEU B 4 0.44 -25.99 5.11
C LEU B 4 -1.01 -25.70 4.84
N LEU B 5 -1.52 -26.21 3.72
CA LEU B 5 -2.92 -26.09 3.38
C LEU B 5 -3.46 -27.50 3.11
N ASN B 6 -4.63 -27.81 3.66
CA ASN B 6 -5.37 -29.05 3.37
C ASN B 6 -6.32 -28.82 2.21
N LEU B 7 -5.90 -29.31 1.05
CA LEU B 7 -6.62 -29.15 -0.20
C LEU B 7 -7.87 -30.03 -0.21
N ASP B 8 -8.94 -29.50 -0.77
CA ASP B 8 -10.19 -30.25 -0.87
C ASP B 8 -10.06 -31.35 -1.95
N LEU B 9 -9.70 -32.56 -1.49
CA LEU B 9 -9.52 -33.83 -2.27
C LEU B 9 -8.08 -34.06 -2.75
N GLY C 2 22.12 13.72 1.71
CA GLY C 2 22.12 12.23 1.80
C GLY C 2 22.57 11.58 0.52
N ASP C 3 23.11 10.37 0.63
CA ASP C 3 23.65 9.65 -0.53
C ASP C 3 22.69 9.65 -1.71
N LEU C 4 21.48 9.13 -1.51
CA LEU C 4 20.53 8.97 -2.61
C LEU C 4 19.72 10.20 -2.90
N LEU C 5 19.23 10.85 -1.85
CA LEU C 5 18.31 12.00 -2.00
C LEU C 5 18.72 13.15 -1.09
N ASN C 6 18.53 14.37 -1.61
CA ASN C 6 18.74 15.60 -0.85
C ASN C 6 17.38 16.22 -0.51
N LEU C 7 16.97 16.09 0.75
CA LEU C 7 15.61 16.44 1.19
C LEU C 7 15.52 17.85 1.78
#